data_3ZG6
#
_entry.id   3ZG6
#
_cell.length_a   104.891
_cell.length_b   104.891
_cell.length_c   231.492
_cell.angle_alpha   90.00
_cell.angle_beta   90.00
_cell.angle_gamma   120.00
#
_symmetry.space_group_name_H-M   'H 3 2'
#
loop_
_entity.id
_entity.type
_entity.pdbx_description
1 polymer 'NAD-DEPENDENT PROTEIN DEACETYLASE SIRTUIN-6'
2 polymer PEPTIDE
3 non-polymer 'ZINC ION'
4 non-polymer ADENOSINE-5-DIPHOSPHORIBOSE
5 non-polymer GLYCEROL
6 water water
#
loop_
_entity_poly.entity_id
_entity_poly.type
_entity_poly.pdbx_seq_one_letter_code
_entity_poly.pdbx_strand_id
1 'polypeptide(L)'
;MSMNYAAGLSPYADKGKCGLPEIFDPPEELERKVWELARLVWQSSSVVFHTGAGISTASGIPDFRGPHGVWTMEERGLAP
KFDTTFESARPTQTHMALVQLERVGLLRFLVSQNVDGLHVRSGFPRDKLAELHGNMFVEECAKCKTQYVRDTVVGTMGLK
ATGRLCTVAKARGLRACRGELRDTILDWEDSLPDRDLALADEASRNADLSITLGTSLQIRPSGNLPLATKRRGGRLVIVN
LQPTKHDRHADLRIHGYVDEVMTRLMKHLGLEIPAWDGPRVLERALPPLPRPPTPK
;
A
2 'polypeptide(L)' KQTAR(MYK)STGGWW F
#
# COMPACT_ATOMS: atom_id res chain seq x y z
N MET A 3 -0.78 9.75 -21.43
CA MET A 3 -2.17 10.26 -21.15
C MET A 3 -2.29 10.85 -19.76
N ASN A 4 -1.46 10.37 -18.84
CA ASN A 4 -1.39 10.95 -17.50
C ASN A 4 -0.70 12.35 -17.40
N TYR A 5 -0.43 13.00 -18.54
CA TYR A 5 0.38 14.25 -18.57
C TYR A 5 -0.13 15.40 -19.51
N ALA A 6 -1.26 16.09 -19.23
CA ALA A 6 -2.45 15.76 -18.39
C ALA A 6 -2.48 16.11 -16.89
N ALA A 7 -1.96 15.23 -16.02
CA ALA A 7 -1.67 15.62 -14.65
C ALA A 7 -0.35 16.40 -14.59
N GLY A 8 0.22 16.68 -15.76
CA GLY A 8 1.52 17.34 -15.86
C GLY A 8 2.63 16.54 -15.15
N LEU A 9 2.62 15.22 -15.34
CA LEU A 9 3.63 14.32 -14.79
C LEU A 9 4.80 14.03 -15.76
N SER A 10 5.89 13.49 -15.22
CA SER A 10 7.07 13.32 -16.03
C SER A 10 6.76 12.29 -17.13
N PRO A 11 7.03 12.61 -18.36
CA PRO A 11 6.99 11.64 -19.45
C PRO A 11 8.27 10.75 -19.60
N TYR A 12 9.17 10.81 -18.63
CA TYR A 12 10.49 10.21 -18.82
C TYR A 12 10.66 8.95 -17.92
N ALA A 13 9.58 8.49 -17.29
CA ALA A 13 9.66 7.37 -16.40
C ALA A 13 9.97 6.07 -17.11
N ASP A 14 10.58 5.14 -16.38
CA ASP A 14 10.70 3.78 -16.84
C ASP A 14 9.53 2.98 -16.21
N LYS A 15 8.66 2.49 -17.06
CA LYS A 15 7.39 1.89 -16.69
C LYS A 15 7.57 0.44 -16.29
N GLY A 16 8.73 -0.14 -16.54
CA GLY A 16 9.02 -1.49 -16.06
C GLY A 16 8.38 -2.54 -17.01
N LYS A 17 8.22 -3.81 -16.54
CA LYS A 17 7.64 -4.84 -17.31
C LYS A 17 6.13 -4.89 -17.08
N CYS A 18 5.37 -4.70 -18.17
CA CYS A 18 3.89 -4.50 -18.16
C CYS A 18 3.22 -5.61 -18.93
N GLY A 19 2.12 -6.16 -18.42
CA GLY A 19 1.31 -7.07 -19.24
C GLY A 19 1.80 -8.51 -19.23
N LEU A 20 2.65 -8.89 -18.31
CA LEU A 20 2.99 -10.30 -18.16
C LEU A 20 1.74 -11.17 -17.91
N PRO A 21 1.77 -12.44 -18.35
CA PRO A 21 0.65 -13.30 -18.07
C PRO A 21 0.39 -13.47 -16.59
N GLU A 22 -0.88 -13.57 -16.25
CA GLU A 22 -1.38 -13.96 -14.93
C GLU A 22 -1.23 -15.46 -14.71
N ILE A 23 -1.00 -15.85 -13.46
CA ILE A 23 -0.85 -17.28 -13.14
C ILE A 23 -1.88 -17.55 -12.06
N PHE A 24 -2.58 -18.69 -12.13
CA PHE A 24 -3.58 -19.04 -11.09
C PHE A 24 -3.26 -20.41 -10.50
N ASP A 25 -3.07 -20.46 -9.18
CA ASP A 25 -2.91 -21.73 -8.52
C ASP A 25 -4.23 -22.52 -8.64
N PRO A 26 -4.16 -23.85 -8.83
CA PRO A 26 -5.38 -24.69 -8.80
C PRO A 26 -5.96 -24.67 -7.38
N PRO A 27 -7.29 -24.86 -7.21
CA PRO A 27 -7.97 -24.74 -5.90
C PRO A 27 -7.31 -25.50 -4.72
N GLU A 28 -6.91 -26.75 -4.93
CA GLU A 28 -6.30 -27.53 -3.85
C GLU A 28 -4.98 -26.94 -3.33
N GLU A 29 -4.15 -26.50 -4.26
CA GLU A 29 -2.93 -25.88 -3.94
C GLU A 29 -3.48 -24.46 -3.88
N LEU A 30 -3.34 -23.79 -2.79
CA LEU A 30 -4.01 -22.48 -2.70
C LEU A 30 -4.68 -22.68 -1.41
N GLU A 31 -5.69 -23.56 -1.37
CA GLU A 31 -6.15 -24.13 -0.11
C GLU A 31 -4.94 -24.51 0.76
N ARG A 32 -4.06 -25.40 0.28
CA ARG A 32 -2.83 -25.69 1.00
C ARG A 32 -2.00 -24.40 1.36
N LYS A 33 -1.85 -23.50 0.39
CA LYS A 33 -1.03 -22.33 0.63
C LYS A 33 -1.66 -21.38 1.65
N VAL A 34 -2.97 -21.16 1.59
CA VAL A 34 -3.60 -20.17 2.48
C VAL A 34 -3.63 -20.69 3.94
N TRP A 35 -3.68 -22.00 4.06
CA TRP A 35 -3.61 -22.67 5.36
C TRP A 35 -2.22 -22.47 5.95
N GLU A 36 -1.20 -22.68 5.12
CA GLU A 36 0.19 -22.41 5.49
C GLU A 36 0.41 -20.92 5.85
N LEU A 37 -0.18 -20.01 5.08
CA LEU A 37 -0.15 -18.61 5.43
C LEU A 37 -0.66 -18.35 6.85
N ALA A 38 -1.78 -18.96 7.20
CA ALA A 38 -2.42 -18.78 8.52
C ALA A 38 -1.49 -19.23 9.63
N ARG A 39 -0.89 -20.43 9.47
CA ARG A 39 0.15 -20.92 10.37
C ARG A 39 1.30 -19.90 10.54
N LEU A 40 1.81 -19.38 9.43
CA LEU A 40 2.82 -18.36 9.51
C LEU A 40 2.36 -17.12 10.24
N VAL A 41 1.16 -16.62 9.93
CA VAL A 41 0.68 -15.44 10.57
C VAL A 41 0.46 -15.68 12.09
N TRP A 42 0.02 -16.87 12.47
CA TRP A 42 -0.25 -17.14 13.90
C TRP A 42 1.06 -17.33 14.68
N GLN A 43 2.03 -17.98 14.07
CA GLN A 43 3.29 -18.29 14.74
C GLN A 43 4.33 -17.15 14.71
N SER A 44 4.13 -16.12 13.88
CA SER A 44 5.07 -14.98 13.82
C SER A 44 4.69 -13.89 14.81
N SER A 45 5.68 -13.27 15.45
CA SER A 45 5.28 -12.20 16.38
C SER A 45 5.24 -10.81 15.73
N SER A 46 5.86 -10.64 14.57
CA SER A 46 5.83 -9.35 13.92
C SER A 46 5.60 -9.47 12.41
N VAL A 47 4.40 -9.12 12.00
CA VAL A 47 3.94 -9.33 10.66
C VAL A 47 3.76 -7.98 10.01
N VAL A 48 4.44 -7.75 8.90
CA VAL A 48 4.28 -6.54 8.14
C VAL A 48 3.70 -6.84 6.73
N PHE A 49 2.71 -6.07 6.34
CA PHE A 49 2.09 -6.24 5.04
C PHE A 49 2.54 -5.10 4.16
N HIS A 50 2.69 -5.40 2.88
CA HIS A 50 3.08 -4.44 1.84
C HIS A 50 2.07 -4.55 0.70
N THR A 51 1.33 -3.48 0.44
CA THR A 51 0.29 -3.57 -0.58
C THR A 51 0.53 -2.65 -1.75
N GLY A 52 0.08 -3.10 -2.93
CA GLY A 52 0.18 -2.31 -4.12
C GLY A 52 -1.15 -2.35 -4.83
N ALA A 53 -1.15 -1.97 -6.09
CA ALA A 53 -2.38 -1.51 -6.78
C ALA A 53 -3.28 -2.69 -6.97
N GLY A 54 -2.72 -3.90 -6.84
CA GLY A 54 -3.53 -5.08 -7.06
C GLY A 54 -4.58 -5.27 -5.97
N ILE A 55 -4.41 -4.70 -4.80
CA ILE A 55 -5.51 -4.84 -3.80
C ILE A 55 -6.68 -3.86 -3.98
N SER A 56 -6.61 -2.96 -4.97
CA SER A 56 -7.75 -2.09 -5.23
C SER A 56 -8.46 -2.36 -6.54
N THR A 57 -7.99 -3.36 -7.29
CA THR A 57 -8.67 -3.70 -8.54
C THR A 57 -10.12 -4.14 -8.35
N ALA A 58 -10.42 -4.88 -7.25
CA ALA A 58 -11.85 -5.32 -7.07
C ALA A 58 -12.71 -4.11 -6.79
N SER A 59 -12.12 -2.97 -6.44
CA SER A 59 -12.95 -1.75 -6.24
C SER A 59 -13.22 -0.94 -7.54
N GLY A 60 -12.71 -1.41 -8.68
CA GLY A 60 -12.85 -0.63 -9.91
C GLY A 60 -11.66 0.29 -10.24
N ILE A 61 -10.60 0.29 -9.43
CA ILE A 61 -9.42 1.12 -9.78
C ILE A 61 -8.43 0.24 -10.55
N PRO A 62 -8.00 0.66 -11.72
CA PRO A 62 -7.08 -0.29 -12.40
C PRO A 62 -5.68 -0.38 -11.76
N ASP A 63 -4.95 -1.46 -11.98
CA ASP A 63 -3.56 -1.45 -11.57
C ASP A 63 -2.68 -0.80 -12.66
N PHE A 64 -1.37 -0.87 -12.49
CA PHE A 64 -0.43 -0.20 -13.40
C PHE A 64 0.12 -1.15 -14.48
N ARG A 65 0.43 -2.39 -14.12
CA ARG A 65 1.23 -3.27 -15.02
C ARG A 65 0.52 -4.60 -15.26
N GLY A 66 -0.69 -4.74 -14.71
CA GLY A 66 -1.53 -5.88 -15.02
C GLY A 66 -1.95 -5.93 -16.49
N PRO A 67 -2.72 -6.95 -16.88
CA PRO A 67 -3.16 -7.14 -18.28
C PRO A 67 -3.90 -5.93 -18.87
N HIS A 68 -4.47 -5.12 -18.00
CA HIS A 68 -5.22 -3.91 -18.37
C HIS A 68 -4.75 -2.76 -17.55
N GLY A 69 -3.51 -2.81 -17.10
CA GLY A 69 -2.93 -1.76 -16.26
C GLY A 69 -2.77 -0.46 -17.02
N VAL A 70 -2.71 0.60 -16.24
CA VAL A 70 -2.67 1.93 -16.84
C VAL A 70 -1.38 2.06 -17.69
N TRP A 71 -0.25 1.55 -17.18
CA TRP A 71 1.00 1.60 -18.01
C TRP A 71 0.97 0.59 -19.13
N THR A 72 0.49 -0.63 -18.88
CA THR A 72 0.32 -1.59 -19.92
C THR A 72 -0.46 -1.00 -21.09
N MET A 73 -1.57 -0.29 -20.82
CA MET A 73 -2.42 0.18 -21.97
C MET A 73 -1.68 1.30 -22.71
N GLU A 74 -1.08 2.21 -21.94
CA GLU A 74 -0.37 3.36 -22.50
C GLU A 74 0.77 2.97 -23.40
N GLU A 75 1.56 2.03 -22.95
CA GLU A 75 2.66 1.49 -23.68
C GLU A 75 2.24 0.97 -25.05
N ARG A 76 1.03 0.43 -25.14
CA ARG A 76 0.53 -0.05 -26.43
C ARG A 76 -0.40 0.88 -27.15
N GLY A 77 -0.38 2.16 -26.76
CA GLY A 77 -1.17 3.15 -27.48
C GLY A 77 -2.67 3.17 -27.15
N LEU A 78 -3.06 2.74 -25.96
CA LEU A 78 -4.48 2.70 -25.58
C LEU A 78 -4.64 3.45 -24.29
N ALA A 79 -5.84 3.90 -23.96
CA ALA A 79 -6.06 4.53 -22.65
C ALA A 79 -6.60 3.50 -21.74
N PRO A 80 -6.44 3.65 -20.42
CA PRO A 80 -7.10 2.63 -19.59
C PRO A 80 -8.50 3.04 -19.17
N LYS A 81 -9.17 2.19 -18.41
CA LYS A 81 -10.55 2.44 -18.09
C LYS A 81 -10.84 2.39 -16.60
N PHE A 82 -11.53 3.42 -16.14
CA PHE A 82 -11.85 3.61 -14.76
C PHE A 82 -13.31 3.36 -14.48
N ASP A 83 -13.58 2.27 -13.78
CA ASP A 83 -14.96 1.95 -13.44
C ASP A 83 -15.51 2.89 -12.33
N THR A 84 -14.59 3.42 -11.51
CA THR A 84 -14.94 4.25 -10.37
C THR A 84 -14.08 5.53 -10.32
N THR A 85 -14.50 6.52 -9.54
CA THR A 85 -13.66 7.67 -9.22
C THR A 85 -12.92 7.38 -7.91
N PHE A 86 -11.87 8.13 -7.58
CA PHE A 86 -11.31 7.90 -6.26
C PHE A 86 -12.29 8.17 -5.12
N GLU A 87 -13.18 9.16 -5.27
CA GLU A 87 -14.16 9.47 -4.23
C GLU A 87 -15.17 8.36 -3.96
N SER A 88 -15.53 7.63 -4.99
CA SER A 88 -16.64 6.70 -4.86
C SER A 88 -16.10 5.27 -4.69
N ALA A 89 -14.79 5.08 -4.76
CA ALA A 89 -14.21 3.76 -4.60
C ALA A 89 -14.50 3.18 -3.21
N ARG A 90 -14.76 1.87 -3.11
CA ARG A 90 -15.03 1.30 -1.80
C ARG A 90 -13.92 0.39 -1.36
N PRO A 91 -13.58 0.42 -0.07
CA PRO A 91 -12.55 -0.52 0.38
C PRO A 91 -12.93 -1.98 0.06
N THR A 92 -11.96 -2.76 -0.38
CA THR A 92 -12.28 -4.14 -0.72
C THR A 92 -12.24 -5.00 0.55
N GLN A 93 -12.60 -6.25 0.38
CA GLN A 93 -12.53 -7.20 1.49
C GLN A 93 -11.10 -7.31 2.02
N THR A 94 -10.11 -7.25 1.13
CA THR A 94 -8.71 -7.15 1.63
C THR A 94 -8.39 -5.91 2.40
N HIS A 95 -8.86 -4.74 1.96
CA HIS A 95 -8.73 -3.53 2.82
C HIS A 95 -9.31 -3.76 4.22
N MET A 96 -10.55 -4.24 4.28
CA MET A 96 -11.23 -4.45 5.54
C MET A 96 -10.60 -5.57 6.38
N ALA A 97 -10.01 -6.59 5.73
CA ALA A 97 -9.34 -7.64 6.48
C ALA A 97 -8.12 -7.11 7.25
N LEU A 98 -7.34 -6.26 6.61
CA LEU A 98 -6.17 -5.63 7.22
C LEU A 98 -6.54 -4.74 8.40
N VAL A 99 -7.69 -4.07 8.36
CA VAL A 99 -8.13 -3.28 9.53
C VAL A 99 -8.35 -4.26 10.66
N GLN A 100 -8.96 -5.40 10.37
CA GLN A 100 -9.23 -6.34 11.47
C GLN A 100 -7.95 -6.99 12.00
N LEU A 101 -7.03 -7.37 11.11
CA LEU A 101 -5.79 -7.95 11.56
C LEU A 101 -5.10 -7.03 12.56
N GLU A 102 -5.08 -5.72 12.27
CA GLU A 102 -4.39 -4.76 13.11
C GLU A 102 -5.13 -4.65 14.48
N ARG A 103 -6.46 -4.62 14.44
CA ARG A 103 -7.22 -4.54 15.68
C ARG A 103 -6.88 -5.70 16.61
N VAL A 104 -6.55 -6.92 16.06
CA VAL A 104 -6.39 -8.09 16.98
C VAL A 104 -4.94 -8.40 17.24
N GLY A 105 -4.06 -7.54 16.75
CA GLY A 105 -2.66 -7.72 16.98
C GLY A 105 -1.94 -8.62 15.99
N LEU A 106 -2.48 -8.87 14.80
CA LEU A 106 -1.83 -9.83 13.89
C LEU A 106 -1.14 -9.12 12.78
N LEU A 107 -1.13 -7.80 12.89
CA LEU A 107 -0.43 -6.96 11.92
C LEU A 107 0.31 -5.90 12.68
N ARG A 108 1.63 -5.85 12.51
CA ARG A 108 2.43 -4.86 13.22
C ARG A 108 2.42 -3.52 12.44
N PHE A 109 2.54 -3.62 11.11
CA PHE A 109 2.62 -2.42 10.32
C PHE A 109 2.17 -2.70 8.88
N LEU A 110 1.83 -1.63 8.18
CA LEU A 110 1.32 -1.72 6.81
C LEU A 110 2.05 -0.67 6.01
N VAL A 111 2.75 -1.11 4.98
CA VAL A 111 3.42 -0.24 4.04
C VAL A 111 2.68 -0.26 2.69
N SER A 112 2.16 0.90 2.23
CA SER A 112 1.46 0.88 0.94
C SER A 112 2.11 1.74 -0.09
N GLN A 113 2.05 1.32 -1.36
CA GLN A 113 2.48 2.10 -2.53
C GLN A 113 1.30 2.81 -3.18
N ASN A 114 0.11 2.50 -2.70
CA ASN A 114 -1.07 2.99 -3.39
C ASN A 114 -1.39 4.43 -3.00
N VAL A 115 -1.87 5.21 -3.96
CA VAL A 115 -2.27 6.59 -3.72
C VAL A 115 -3.78 6.78 -3.66
N ASP A 116 -4.56 5.69 -3.77
CA ASP A 116 -6.00 5.79 -3.87
C ASP A 116 -6.67 6.19 -2.54
N GLY A 117 -5.92 6.32 -1.43
CA GLY A 117 -6.60 6.80 -0.15
C GLY A 117 -7.47 5.80 0.58
N LEU A 118 -7.54 4.56 0.10
CA LEU A 118 -8.49 3.60 0.66
C LEU A 118 -8.13 2.99 2.02
N HIS A 119 -6.86 2.76 2.27
CA HIS A 119 -6.45 2.34 3.60
C HIS A 119 -6.91 3.38 4.63
N VAL A 120 -6.55 4.65 4.41
CA VAL A 120 -7.03 5.66 5.36
C VAL A 120 -8.57 5.66 5.42
N ARG A 121 -9.21 5.71 4.27
CA ARG A 121 -10.66 5.83 4.30
C ARG A 121 -11.36 4.58 4.88
N SER A 122 -10.73 3.42 4.73
CA SER A 122 -11.29 2.22 5.36
C SER A 122 -11.23 2.27 6.88
N GLY A 123 -10.56 3.24 7.47
CA GLY A 123 -10.48 3.28 8.95
C GLY A 123 -9.14 2.73 9.51
N PHE A 124 -8.19 2.41 8.64
CA PHE A 124 -6.89 1.85 9.05
C PHE A 124 -6.11 2.93 9.77
N PRO A 125 -5.54 2.63 10.96
CA PRO A 125 -4.96 3.75 11.72
C PRO A 125 -3.69 4.26 11.05
N ARG A 126 -3.59 5.59 10.93
CA ARG A 126 -2.52 6.22 10.22
C ARG A 126 -1.13 5.99 10.88
N ASP A 127 -1.12 5.86 12.19
CA ASP A 127 0.16 5.59 12.83
C ASP A 127 0.69 4.15 12.65
N LYS A 128 -0.06 3.25 11.99
CA LYS A 128 0.56 1.99 11.59
C LYS A 128 0.74 1.87 10.08
N LEU A 129 0.71 3.00 9.38
CA LEU A 129 0.63 2.95 7.90
C LEU A 129 1.68 3.86 7.31
N ALA A 130 2.45 3.36 6.35
CA ALA A 130 3.35 4.24 5.57
C ALA A 130 2.79 4.34 4.15
N GLU A 131 2.50 5.55 3.67
CA GLU A 131 1.95 5.75 2.32
C GLU A 131 3.13 6.22 1.51
N LEU A 132 3.98 5.28 1.04
CA LEU A 132 5.30 5.72 0.54
C LEU A 132 5.20 6.52 -0.75
N HIS A 133 4.12 6.35 -1.50
CA HIS A 133 3.99 7.10 -2.77
C HIS A 133 3.04 8.27 -2.74
N GLY A 134 2.41 8.48 -1.59
CA GLY A 134 1.46 9.60 -1.43
C GLY A 134 0.02 9.12 -1.26
N ASN A 135 -0.92 10.07 -1.24
CA ASN A 135 -2.35 9.81 -0.98
C ASN A 135 -3.11 10.96 -1.62
N MET A 136 -3.96 10.63 -2.60
CA MET A 136 -4.65 11.65 -3.41
C MET A 136 -5.46 12.66 -2.52
N PHE A 137 -5.81 12.24 -1.28
CA PHE A 137 -6.63 13.02 -0.31
C PHE A 137 -5.76 13.81 0.65
N VAL A 138 -4.44 13.69 0.58
CA VAL A 138 -3.60 14.39 1.54
C VAL A 138 -2.75 15.44 0.90
N GLU A 139 -2.80 16.65 1.44
CA GLU A 139 -1.85 17.69 1.09
C GLU A 139 -0.92 18.09 2.25
N GLU A 140 0.16 18.79 1.91
CA GLU A 140 1.16 18.99 2.89
C GLU A 140 1.83 20.34 2.70
N CYS A 141 2.12 21.01 3.82
CA CYS A 141 2.78 22.32 3.81
C CYS A 141 4.22 22.27 3.39
N ALA A 142 4.61 23.09 2.40
CA ALA A 142 5.96 23.04 1.88
C ALA A 142 6.90 23.61 2.94
N LYS A 143 6.43 24.62 3.67
CA LYS A 143 7.25 25.29 4.69
C LYS A 143 7.51 24.35 5.89
N CYS A 144 6.43 23.86 6.49
CA CYS A 144 6.50 23.27 7.83
C CYS A 144 6.15 21.78 7.89
N LYS A 145 5.92 21.18 6.71
CA LYS A 145 5.55 19.74 6.59
C LYS A 145 4.27 19.27 7.28
N THR A 146 3.47 20.20 7.85
CA THR A 146 2.22 19.68 8.40
C THR A 146 1.25 19.24 7.29
N GLN A 147 0.53 18.16 7.57
CA GLN A 147 -0.35 17.54 6.58
C GLN A 147 -1.82 17.81 6.88
N TYR A 148 -2.68 17.80 5.86
CA TYR A 148 -4.14 17.91 6.03
C TYR A 148 -4.84 16.81 5.30
N VAL A 149 -5.66 16.00 5.94
CA VAL A 149 -6.38 14.95 5.22
C VAL A 149 -7.74 15.52 4.84
N ARG A 150 -8.15 15.37 3.57
CA ARG A 150 -9.36 15.98 3.04
C ARG A 150 -10.30 14.86 2.64
N ASP A 151 -11.57 15.19 2.43
CA ASP A 151 -12.63 14.20 2.14
C ASP A 151 -12.74 14.01 0.65
N THR A 152 -12.23 15.00 -0.05
CA THR A 152 -12.24 15.01 -1.50
C THR A 152 -10.75 15.01 -2.00
N VAL A 153 -10.49 14.61 -3.23
CA VAL A 153 -9.09 14.67 -3.73
C VAL A 153 -8.59 16.11 -3.76
N VAL A 154 -7.30 16.25 -3.47
CA VAL A 154 -6.69 17.52 -3.26
C VAL A 154 -6.54 18.29 -4.55
N GLY A 155 -6.44 17.60 -5.69
CA GLY A 155 -6.68 18.21 -7.00
C GLY A 155 -5.48 18.31 -7.94
N THR A 156 -4.27 18.01 -7.45
CA THR A 156 -3.06 17.95 -8.30
C THR A 156 -2.26 16.68 -8.02
N MET A 157 -1.27 16.38 -8.88
CA MET A 157 -0.28 15.31 -8.64
C MET A 157 1.11 15.82 -8.92
N GLY A 158 2.12 15.14 -8.39
CA GLY A 158 3.51 15.55 -8.66
C GLY A 158 4.00 16.64 -7.73
N LEU A 159 3.40 16.72 -6.52
CA LEU A 159 3.92 17.64 -5.49
C LEU A 159 3.75 19.10 -5.94
N LYS A 160 2.62 19.44 -6.59
CA LYS A 160 2.31 20.80 -7.01
C LYS A 160 1.44 21.52 -5.97
N ALA A 161 1.50 22.84 -6.03
CA ALA A 161 0.72 23.69 -5.11
C ALA A 161 -0.73 23.38 -5.36
N THR A 162 -1.49 23.11 -4.32
CA THR A 162 -2.91 22.84 -4.58
C THR A 162 -3.76 24.13 -4.66
N GLY A 163 -3.19 25.29 -4.30
CA GLY A 163 -4.01 26.50 -4.17
C GLY A 163 -4.41 26.87 -2.73
N ARG A 164 -4.47 25.92 -1.79
CA ARG A 164 -4.65 26.30 -0.36
C ARG A 164 -3.30 26.60 0.34
N LEU A 165 -3.39 27.35 1.47
CA LEU A 165 -2.27 27.77 2.31
C LEU A 165 -2.27 27.19 3.74
N CYS A 166 -1.11 27.09 4.36
CA CYS A 166 -1.00 26.48 5.70
C CYS A 166 -1.47 27.49 6.77
N THR A 167 -2.19 26.97 7.77
CA THR A 167 -2.74 27.74 8.91
C THR A 167 -2.10 27.41 10.30
N VAL A 168 -1.01 26.65 10.37
CA VAL A 168 -0.34 26.45 11.66
C VAL A 168 0.25 27.79 12.18
N ALA A 169 0.23 27.93 13.52
CA ALA A 169 0.67 29.14 14.22
C ALA A 169 2.19 29.22 14.25
N LYS A 170 2.64 30.38 13.76
CA LYS A 170 4.06 30.77 13.81
C LYS A 170 4.30 32.11 14.52
N ALA A 171 5.58 32.50 14.61
CA ALA A 171 6.08 33.68 15.35
C ALA A 171 5.42 33.83 16.74
N ARG A 172 5.57 32.79 17.57
CA ARG A 172 5.03 32.74 18.92
C ARG A 172 3.55 33.12 18.98
N GLY A 173 2.79 32.67 17.99
CA GLY A 173 1.35 32.84 17.93
C GLY A 173 0.91 34.08 17.17
N LEU A 174 1.87 34.91 16.72
CA LEU A 174 1.50 36.14 16.09
C LEU A 174 1.11 36.03 14.64
N ARG A 175 1.61 35.01 13.93
CA ARG A 175 1.37 34.87 12.50
C ARG A 175 0.98 33.44 12.08
N ALA A 176 0.23 33.29 10.98
CA ALA A 176 0.01 31.94 10.44
C ALA A 176 1.25 31.52 9.62
N CYS A 177 1.49 30.19 9.48
CA CYS A 177 2.57 29.69 8.57
C CYS A 177 2.39 30.29 7.15
N ARG A 178 1.20 30.06 6.57
CA ARG A 178 0.85 30.50 5.23
C ARG A 178 1.69 29.78 4.14
N GLY A 179 2.29 28.64 4.47
CA GLY A 179 3.11 27.91 3.45
C GLY A 179 2.17 27.42 2.33
N GLU A 180 2.68 27.20 1.10
CA GLU A 180 1.75 26.60 0.13
C GLU A 180 1.55 25.15 0.45
N LEU A 181 0.30 24.71 0.52
CA LEU A 181 0.00 23.32 0.57
C LEU A 181 0.27 22.64 -0.82
N ARG A 182 0.81 21.42 -0.78
CA ARG A 182 1.07 20.69 -2.04
C ARG A 182 0.52 19.28 -1.95
N ASP A 183 0.20 18.65 -3.08
CA ASP A 183 -0.30 17.28 -3.09
C ASP A 183 0.87 16.43 -2.59
N THR A 184 0.62 15.21 -2.16
CA THR A 184 1.70 14.35 -1.76
C THR A 184 1.95 13.23 -2.80
N ILE A 185 1.44 13.38 -4.03
CA ILE A 185 1.68 12.32 -5.07
C ILE A 185 3.06 12.46 -5.71
N LEU A 186 3.97 11.54 -5.33
CA LEU A 186 5.37 11.53 -5.88
C LEU A 186 5.24 11.35 -7.38
N ASP A 187 6.02 12.12 -8.12
CA ASP A 187 6.26 11.74 -9.51
C ASP A 187 7.49 10.82 -9.55
N TRP A 188 7.74 10.27 -10.73
CA TRP A 188 8.97 9.57 -11.04
C TRP A 188 10.20 10.29 -10.53
N GLU A 189 11.01 9.59 -9.74
CA GLU A 189 12.32 10.07 -9.23
C GLU A 189 12.26 11.14 -8.18
N ASP A 190 11.05 11.41 -7.66
CA ASP A 190 10.97 12.17 -6.41
C ASP A 190 11.42 11.35 -5.21
N SER A 191 11.93 12.03 -4.20
CA SER A 191 12.28 11.42 -2.88
C SER A 191 11.05 10.96 -2.17
N LEU A 192 11.13 9.80 -1.54
CA LEU A 192 10.06 9.28 -0.74
C LEU A 192 9.95 10.15 0.53
N PRO A 193 8.77 10.21 1.14
CA PRO A 193 8.68 10.98 2.44
C PRO A 193 9.50 10.27 3.50
N ASP A 194 10.37 11.07 4.09
CA ASP A 194 11.35 10.64 5.08
C ASP A 194 10.83 9.81 6.22
N ARG A 195 9.74 10.25 6.80
CA ARG A 195 9.26 9.62 8.01
C ARG A 195 8.46 8.36 7.66
N ASP A 196 7.64 8.39 6.62
CA ASP A 196 7.00 7.17 6.20
C ASP A 196 8.06 6.13 5.84
N LEU A 197 9.10 6.49 5.10
CA LEU A 197 10.12 5.50 4.70
C LEU A 197 10.88 4.95 5.92
N ALA A 198 11.27 5.86 6.80
CA ALA A 198 12.00 5.46 8.05
C ALA A 198 11.16 4.50 8.86
N LEU A 199 9.86 4.76 9.02
CA LEU A 199 9.04 3.80 9.75
C LEU A 199 8.81 2.50 9.00
N ALA A 200 8.57 2.59 7.68
CA ALA A 200 8.40 1.36 6.87
C ALA A 200 9.70 0.55 6.93
N ASP A 201 10.82 1.22 6.85
CA ASP A 201 12.11 0.51 6.88
C ASP A 201 12.29 -0.17 8.23
N GLU A 202 11.95 0.54 9.31
CA GLU A 202 12.10 -0.07 10.65
C GLU A 202 11.22 -1.29 10.84
N ALA A 203 9.96 -1.20 10.40
CA ALA A 203 9.06 -2.32 10.55
C ALA A 203 9.52 -3.51 9.71
N SER A 204 10.03 -3.23 8.50
CA SER A 204 10.45 -4.32 7.57
C SER A 204 11.68 -5.05 8.13
N ARG A 205 12.63 -4.27 8.66
CA ARG A 205 13.87 -4.87 9.17
C ARG A 205 13.57 -5.69 10.42
N ASN A 206 12.49 -5.39 11.11
CA ASN A 206 12.25 -6.05 12.38
C ASN A 206 11.19 -7.13 12.27
N ALA A 207 10.55 -7.25 11.10
CA ALA A 207 9.47 -8.23 10.93
C ALA A 207 10.09 -9.60 11.02
N ASP A 208 9.35 -10.59 11.49
CA ASP A 208 9.77 -11.93 11.11
C ASP A 208 8.89 -12.55 10.01
N LEU A 209 7.82 -11.83 9.60
CA LEU A 209 7.01 -12.22 8.41
C LEU A 209 6.68 -10.93 7.61
N SER A 210 7.09 -10.85 6.34
CA SER A 210 6.58 -9.84 5.43
C SER A 210 5.70 -10.50 4.37
N ILE A 211 4.54 -9.91 4.10
CA ILE A 211 3.65 -10.48 3.17
C ILE A 211 3.31 -9.39 2.18
N THR A 212 3.52 -9.67 0.92
CA THR A 212 3.15 -8.65 -0.11
C THR A 212 1.84 -9.01 -0.77
N LEU A 213 1.02 -8.00 -1.02
CA LEU A 213 -0.27 -8.18 -1.60
C LEU A 213 -0.45 -7.33 -2.81
N GLY A 214 -0.64 -7.93 -4.00
CA GLY A 214 -1.05 -7.04 -5.15
C GLY A 214 0.00 -6.00 -5.59
N THR A 215 1.29 -6.34 -5.52
CA THR A 215 2.37 -5.49 -6.06
C THR A 215 3.35 -6.37 -6.85
N SER A 216 3.80 -5.85 -8.00
CA SER A 216 4.78 -6.63 -8.76
C SER A 216 6.22 -6.30 -8.30
N LEU A 217 6.37 -5.39 -7.31
CA LEU A 217 7.63 -5.15 -6.61
C LEU A 217 8.73 -4.59 -7.53
N GLN A 218 8.33 -3.85 -8.53
CA GLN A 218 9.34 -3.35 -9.50
C GLN A 218 9.84 -1.96 -9.17
N ILE A 219 9.19 -1.31 -8.25
CA ILE A 219 9.56 0.07 -7.97
C ILE A 219 10.19 0.09 -6.60
N ARG A 220 11.36 0.69 -6.52
CA ARG A 220 12.15 0.76 -5.32
C ARG A 220 11.99 2.22 -4.77
N PRO A 221 12.29 2.42 -3.49
CA PRO A 221 12.73 1.39 -2.55
C PRO A 221 11.59 0.60 -1.97
N SER A 222 10.34 0.94 -2.26
CA SER A 222 9.24 0.23 -1.56
C SER A 222 9.23 -1.25 -1.91
N GLY A 223 9.58 -1.58 -3.17
CA GLY A 223 9.58 -2.99 -3.63
C GLY A 223 10.70 -3.86 -3.03
N ASN A 224 11.76 -3.21 -2.56
CA ASN A 224 12.81 -3.87 -1.82
C ASN A 224 12.66 -4.04 -0.28
N LEU A 225 11.75 -3.29 0.34
CA LEU A 225 11.46 -3.46 1.79
C LEU A 225 11.09 -4.87 2.21
N PRO A 226 10.30 -5.61 1.41
CA PRO A 226 9.98 -6.94 1.98
C PRO A 226 11.20 -7.87 2.10
N LEU A 227 12.29 -7.57 1.38
CA LEU A 227 13.48 -8.37 1.50
C LEU A 227 14.16 -8.16 2.88
N ALA A 228 14.01 -6.94 3.47
CA ALA A 228 14.71 -6.66 4.72
C ALA A 228 14.47 -7.80 5.77
N THR A 229 13.25 -8.27 5.85
CA THR A 229 12.94 -9.33 6.74
C THR A 229 13.88 -10.56 6.61
N LYS A 230 14.21 -10.92 5.39
CA LYS A 230 15.07 -12.07 5.19
C LYS A 230 16.48 -11.87 5.81
N ARG A 231 16.95 -10.62 5.97
CA ARG A 231 18.24 -10.37 6.58
C ARG A 231 18.37 -10.88 8.01
N ARG A 232 17.25 -10.99 8.76
CA ARG A 232 17.31 -11.50 10.16
C ARG A 232 16.74 -12.90 10.24
N GLY A 233 16.55 -13.50 9.07
CA GLY A 233 16.00 -14.83 9.00
C GLY A 233 14.50 -14.87 9.11
N GLY A 234 13.82 -13.75 8.89
CA GLY A 234 12.36 -13.79 8.78
C GLY A 234 11.87 -14.34 7.44
N ARG A 235 10.58 -14.49 7.27
CA ARG A 235 10.08 -15.15 6.09
C ARG A 235 9.35 -14.19 5.14
N LEU A 236 9.34 -14.52 3.85
CA LEU A 236 8.63 -13.67 2.86
C LEU A 236 7.51 -14.38 2.16
N VAL A 237 6.36 -13.76 2.09
CA VAL A 237 5.23 -14.39 1.41
C VAL A 237 4.82 -13.39 0.36
N ILE A 238 4.67 -13.89 -0.88
CA ILE A 238 4.25 -13.04 -1.97
C ILE A 238 2.94 -13.49 -2.48
N VAL A 239 1.99 -12.58 -2.49
CA VAL A 239 0.69 -12.87 -3.09
C VAL A 239 0.46 -11.96 -4.25
N ASN A 240 0.31 -12.57 -5.46
CA ASN A 240 0.19 -11.84 -6.69
C ASN A 240 -0.20 -12.75 -7.87
N LEU A 241 -1.08 -12.29 -8.74
CA LEU A 241 -1.47 -13.04 -9.96
C LEU A 241 -0.33 -13.08 -11.00
N GLN A 242 0.33 -11.95 -11.26
CA GLN A 242 1.51 -11.93 -12.10
C GLN A 242 2.70 -12.32 -11.32
N PRO A 243 3.77 -12.77 -12.02
CA PRO A 243 5.09 -12.75 -11.40
C PRO A 243 5.44 -11.45 -10.66
N THR A 244 6.42 -11.49 -9.75
CA THR A 244 6.92 -10.22 -9.16
C THR A 244 8.41 -10.30 -9.34
N LYS A 245 9.07 -9.18 -9.20
CA LYS A 245 10.52 -9.09 -9.36
C LYS A 245 11.27 -9.94 -8.36
N HIS A 246 10.70 -10.16 -7.17
CA HIS A 246 11.45 -10.91 -6.15
C HIS A 246 10.94 -12.28 -5.93
N ASP A 247 10.26 -12.87 -6.92
CA ASP A 247 9.76 -14.28 -6.74
C ASP A 247 10.77 -15.23 -6.24
N ARG A 248 12.04 -15.04 -6.56
CA ARG A 248 12.98 -16.11 -6.21
C ARG A 248 13.31 -16.10 -4.68
N HIS A 249 12.88 -15.05 -3.95
CA HIS A 249 13.19 -14.94 -2.54
C HIS A 249 12.03 -15.34 -1.65
N ALA A 250 10.88 -15.57 -2.22
CA ALA A 250 9.67 -15.99 -1.54
C ALA A 250 9.81 -17.36 -0.81
N ASP A 251 9.31 -17.41 0.42
CA ASP A 251 9.27 -18.64 1.19
C ASP A 251 7.95 -19.30 0.89
N LEU A 252 6.96 -18.49 0.49
CA LEU A 252 5.68 -19.00 0.07
C LEU A 252 5.15 -18.02 -1.04
N ARG A 253 4.68 -18.57 -2.18
CA ARG A 253 4.22 -17.79 -3.33
C ARG A 253 2.81 -18.23 -3.48
N ILE A 254 1.89 -17.29 -3.58
CA ILE A 254 0.57 -17.66 -3.89
C ILE A 254 0.11 -16.85 -5.09
N HIS A 255 -0.37 -17.54 -6.11
CA HIS A 255 -0.96 -16.85 -7.26
C HIS A 255 -2.48 -17.08 -7.13
N GLY A 256 -3.22 -16.06 -6.71
CA GLY A 256 -4.66 -16.11 -6.60
C GLY A 256 -5.08 -14.69 -6.34
N TYR A 257 -6.40 -14.42 -6.45
CA TYR A 257 -7.02 -13.12 -6.13
C TYR A 257 -6.84 -12.79 -4.65
N VAL A 258 -6.33 -11.59 -4.34
CA VAL A 258 -6.13 -11.25 -2.97
C VAL A 258 -7.41 -11.36 -2.13
N ASP A 259 -8.54 -10.89 -2.64
CA ASP A 259 -9.82 -10.95 -1.86
C ASP A 259 -10.08 -12.39 -1.46
N GLU A 260 -9.83 -13.32 -2.38
CA GLU A 260 -10.07 -14.71 -2.08
C GLU A 260 -9.07 -15.21 -1.09
N VAL A 261 -7.79 -14.83 -1.24
CA VAL A 261 -6.77 -15.32 -0.29
C VAL A 261 -7.07 -14.81 1.14
N MET A 262 -7.45 -13.54 1.24
CA MET A 262 -7.62 -12.93 2.57
C MET A 262 -8.95 -13.44 3.21
N THR A 263 -9.99 -13.63 2.42
CA THR A 263 -11.22 -14.30 2.90
C THR A 263 -10.91 -15.63 3.60
N ARG A 264 -10.20 -16.51 2.92
CA ARG A 264 -9.87 -17.77 3.50
C ARG A 264 -9.00 -17.63 4.70
N LEU A 265 -7.98 -16.74 4.60
CA LEU A 265 -7.06 -16.60 5.71
C LEU A 265 -7.81 -16.23 7.00
N MET A 266 -8.77 -15.32 6.86
CA MET A 266 -9.50 -14.81 7.98
C MET A 266 -10.35 -15.99 8.57
N LYS A 267 -11.04 -16.70 7.70
CA LYS A 267 -11.73 -17.97 8.03
C LYS A 267 -10.84 -18.91 8.86
N HIS A 268 -9.61 -19.17 8.46
CA HIS A 268 -8.74 -20.00 9.30
C HIS A 268 -8.36 -19.33 10.58
N LEU A 269 -8.45 -18.00 10.62
CA LEU A 269 -8.01 -17.30 11.80
C LEU A 269 -9.19 -17.11 12.79
N GLY A 270 -10.41 -17.25 12.33
CA GLY A 270 -11.61 -17.12 13.17
C GLY A 270 -12.05 -15.69 13.35
N LEU A 271 -11.89 -14.88 12.31
CA LEU A 271 -12.06 -13.45 12.45
C LEU A 271 -13.02 -13.05 11.40
N GLU A 272 -14.01 -12.23 11.75
CA GLU A 272 -14.96 -11.75 10.78
C GLU A 272 -14.28 -10.60 10.04
N ILE A 273 -14.67 -10.36 8.79
CA ILE A 273 -14.22 -9.18 8.08
C ILE A 273 -15.23 -8.05 8.24
N PRO A 274 -14.85 -6.99 8.95
CA PRO A 274 -15.80 -5.91 9.25
C PRO A 274 -16.36 -5.29 8.00
N ALA A 275 -17.55 -4.73 8.13
CA ALA A 275 -18.21 -4.09 7.01
C ALA A 275 -17.82 -2.64 7.13
N TRP A 276 -17.84 -1.92 6.03
CA TRP A 276 -17.35 -0.57 6.02
C TRP A 276 -18.52 0.37 6.10
N ASP A 277 -18.41 1.37 6.99
CA ASP A 277 -19.50 2.34 7.24
C ASP A 277 -19.48 3.52 6.30
N GLY A 278 -18.36 3.72 5.61
CA GLY A 278 -18.14 4.98 4.92
C GLY A 278 -16.86 5.64 5.40
N PRO A 279 -16.41 6.68 4.71
CA PRO A 279 -15.06 7.24 4.88
C PRO A 279 -14.82 7.68 6.31
N ARG A 280 -13.88 7.04 7.02
CA ARG A 280 -13.62 7.37 8.45
C ARG A 280 -12.13 7.39 8.77
N VAL A 281 -11.56 8.58 8.94
CA VAL A 281 -10.16 8.76 9.33
C VAL A 281 -9.83 8.45 10.78
N LEU A 282 -9.03 7.40 11.00
CA LEU A 282 -8.50 7.08 12.30
C LEU A 282 -6.98 7.43 12.39
N GLU A 283 -6.65 8.42 13.22
CA GLU A 283 -5.28 8.87 13.36
C GLU A 283 -4.38 7.91 14.08
N ARG A 284 -4.88 7.24 15.16
CA ARG A 284 -4.02 6.41 15.95
C ARG A 284 -4.71 5.12 16.31
N ALA A 285 -3.94 4.02 16.33
CA ALA A 285 -4.48 2.72 16.65
C ALA A 285 -5.08 2.68 18.09
N LEU A 286 -6.24 2.08 18.26
CA LEU A 286 -6.70 1.59 19.57
C LEU A 286 -5.80 0.49 20.18
N PRO A 287 -5.87 0.28 21.51
CA PRO A 287 -5.06 -0.90 21.94
C PRO A 287 -5.67 -2.20 21.38
N PRO A 288 -4.86 -3.26 21.24
CA PRO A 288 -5.29 -4.44 20.50
C PRO A 288 -6.41 -5.21 21.20
N LEU A 289 -7.47 -5.57 20.47
CA LEU A 289 -8.45 -6.53 20.96
C LEU A 289 -7.73 -7.87 21.23
N PRO A 290 -8.36 -8.78 22.02
CA PRO A 290 -7.56 -9.99 22.27
C PRO A 290 -7.60 -10.93 21.05
N ARG A 291 -6.47 -11.63 20.85
CA ARG A 291 -6.40 -12.69 19.84
C ARG A 291 -7.60 -13.63 19.94
N PRO A 292 -8.05 -14.16 18.78
CA PRO A 292 -9.14 -15.14 18.78
C PRO A 292 -8.65 -16.47 19.38
N PRO A 293 -9.58 -17.43 19.64
CA PRO A 293 -9.08 -18.68 20.20
C PRO A 293 -8.02 -19.30 19.27
N THR A 294 -6.90 -19.75 19.83
CA THR A 294 -5.86 -20.44 19.05
C THR A 294 -6.49 -21.48 18.10
N PRO A 295 -6.39 -21.24 16.77
CA PRO A 295 -7.00 -22.13 15.80
C PRO A 295 -6.23 -23.45 15.63
N LYS A 296 -4.90 -23.41 15.79
CA LYS A 296 -4.05 -24.62 15.77
C LYS A 296 -3.09 -24.69 16.97
N LYS B 1 25.82 5.86 1.57
CA LYS B 1 24.96 4.64 1.51
C LYS B 1 24.18 4.51 0.17
N GLN B 2 22.85 4.70 0.16
CA GLN B 2 22.04 4.56 -1.07
C GLN B 2 20.66 5.29 -1.11
N THR B 3 20.47 6.02 -2.22
CA THR B 3 19.24 6.77 -2.59
C THR B 3 17.83 6.27 -2.17
N ALA B 4 17.00 7.26 -1.88
CA ALA B 4 15.62 7.07 -1.44
C ALA B 4 14.65 7.69 -2.46
N ARG B 5 14.94 7.51 -3.76
CA ARG B 5 14.06 8.06 -4.80
C ARG B 5 13.18 6.97 -5.48
N SER B 7 11.97 4.78 -8.06
CA SER B 7 12.46 4.37 -9.37
C SER B 7 12.54 2.90 -9.50
N THR B 8 13.27 2.46 -10.52
CA THR B 8 13.52 1.04 -10.84
C THR B 8 14.99 0.81 -10.52
N GLY B 9 15.31 -0.29 -9.79
CA GLY B 9 16.71 -0.74 -9.52
C GLY B 9 16.97 -1.74 -8.36
N GLY B 10 18.27 -1.98 -8.07
CA GLY B 10 18.67 -3.03 -7.13
C GLY B 10 18.54 -2.63 -5.67
N TRP B 11 18.64 -3.62 -4.78
CA TRP B 11 18.57 -3.40 -3.32
C TRP B 11 19.93 -3.49 -2.63
N TRP B 12 20.98 -3.78 -3.40
CA TRP B 12 22.36 -3.93 -2.91
C TRP B 12 23.13 -2.58 -2.99
#